data_3VEN
#
_entry.id   3VEN
#
_cell.length_a   99.023
_cell.length_b   99.023
_cell.length_c   280.896
_cell.angle_alpha   90.000
_cell.angle_beta   90.000
_cell.angle_gamma   120.000
#
_symmetry.space_group_name_H-M   'P 61 2 2'
#
loop_
_entity.id
_entity.type
_entity.pdbx_description
1 polymer 'O-carbamoyltransferase TobZ'
2 non-polymer 'POTASSIUM ION'
3 non-polymer 'FE (II) ION'
4 non-polymer GLYCEROL
5 non-polymer 'L(+)-TARTARIC ACID'
6 water water
#
_entity_poly.entity_id   1
_entity_poly.type   'polypeptide(L)'
_entity_poly.pdbx_seq_one_letter_code
;HHHHHHMRVLGLNGWPRDFHDASAALLVDGRIAAFAEEERLTRKKHGYNTAPVQAAAFCLAQAGLTVDDLDAVAFGWDLP
AMYRERLGGWPHSDSEALDILLPRDVFPRRTDPPLHFVQHHLAHAASAYYFSGEDRGAVLIVDGQGEEECVTLAHAEGGK
ITVLDTVPGAWSLGFFYEHVSEYTGLGGDNPGKLMGLAAHGTTVDETLSAFAFDSDGYRLNLIDPQARDPEDWDEYSVTE
RAWFAHLERIYRLPPNEFVRRYDPAKGRVVRDTRRDPYEYRDLAATAQAALERAVFGLADSVLARTGERTLFVAGGVGLN
ATMNGKLLTRSTVDKMFVPPVASDIGVSLGAAAAVAVELGDRIAPMGDTAAWGPEFSPDQVRAALDRTGLAYREPANLER
EVAALIASGKVVGWAQGRGEVGPRALGQRSLLGSAHSPTMRDHINLRVKDREWWRPFAPSMLRSVSDQVLEVDADFPYMI
MTTKVRAAYAERLPSVVHEDWSTRPQTVTEASNPRYHRMLTELGDLVGDPVCLNTSFNDRGEPIVSSPADALLTFSRLPI
DALAVGPYLVTKDLRH
;
_entity_poly.pdbx_strand_id   A
#
loop_
_chem_comp.id
_chem_comp.type
_chem_comp.name
_chem_comp.formula
FE2 non-polymer 'FE (II) ION' 'Fe 2'
GOL non-polymer GLYCEROL 'C3 H8 O3'
K non-polymer 'POTASSIUM ION' 'K 1'
TLA non-polymer 'L(+)-TARTARIC ACID' 'C4 H6 O6'
#
# COMPACT_ATOMS: atom_id res chain seq x y z
N HIS A 6 -12.26 -0.36 -28.47
CA HIS A 6 -11.96 -0.24 -27.02
C HIS A 6 -11.39 1.14 -26.66
N MET A 7 -11.75 1.69 -25.49
CA MET A 7 -11.05 2.87 -25.01
C MET A 7 -9.78 2.46 -24.26
N ARG A 8 -8.73 3.24 -24.52
CA ARG A 8 -7.42 3.00 -23.86
C ARG A 8 -7.06 4.26 -23.11
N VAL A 9 -7.02 4.20 -21.78
CA VAL A 9 -6.80 5.41 -20.99
C VAL A 9 -5.60 5.18 -20.09
N LEU A 10 -4.62 6.07 -20.16
CA LEU A 10 -3.44 5.97 -19.28
C LEU A 10 -3.61 6.96 -18.13
N GLY A 11 -3.64 6.45 -16.90
CA GLY A 11 -3.75 7.29 -15.70
C GLY A 11 -2.37 7.45 -15.10
N LEU A 12 -2.14 8.63 -14.51
CA LEU A 12 -0.82 8.98 -14.00
C LEU A 12 -0.94 9.64 -12.64
N ASN A 13 0.09 9.45 -11.84
CA ASN A 13 0.30 10.25 -10.63
C ASN A 13 1.78 10.55 -10.55
N GLY A 14 2.15 11.69 -9.97
CA GLY A 14 3.54 12.07 -9.90
C GLY A 14 3.87 13.30 -10.73
N TRP A 15 4.63 14.23 -10.14
CA TRP A 15 4.93 15.52 -10.80
C TRP A 15 6.26 15.95 -10.25
N PRO A 16 7.04 16.70 -11.02
CA PRO A 16 8.41 16.99 -10.54
C PRO A 16 8.50 17.89 -9.30
N ARG A 17 7.43 18.56 -8.91
CA ARG A 17 7.44 19.51 -7.78
C ARG A 17 6.74 18.90 -6.62
N ASP A 18 7.50 18.56 -5.56
CA ASP A 18 6.93 18.27 -4.24
C ASP A 18 5.78 17.27 -4.32
N PHE A 19 6.03 16.12 -4.92
CA PHE A 19 5.02 15.07 -5.05
C PHE A 19 5.56 13.74 -4.57
N HIS A 20 4.68 12.80 -4.27
CA HIS A 20 5.11 11.47 -3.86
C HIS A 20 4.21 10.43 -4.54
N ASP A 21 4.66 9.20 -4.51
CA ASP A 21 3.87 8.05 -4.92
C ASP A 21 3.55 8.03 -6.41
N ALA A 22 4.53 8.40 -7.21
CA ALA A 22 4.36 8.35 -8.67
C ALA A 22 3.98 6.95 -9.15
N SER A 23 3.05 6.88 -10.11
CA SER A 23 2.62 5.56 -10.62
C SER A 23 1.88 5.79 -11.93
N ALA A 24 1.68 4.70 -12.66
CA ALA A 24 0.92 4.79 -13.90
C ALA A 24 0.06 3.55 -14.05
N ALA A 25 -1.13 3.71 -14.63
CA ALA A 25 -2.03 2.57 -14.81
C ALA A 25 -2.66 2.69 -16.18
N LEU A 26 -2.83 1.55 -16.87
CA LEU A 26 -3.41 1.60 -18.22
C LEU A 26 -4.67 0.75 -18.22
N LEU A 27 -5.79 1.37 -18.55
CA LEU A 27 -7.04 0.65 -18.70
C LEU A 27 -7.32 0.44 -20.17
N VAL A 28 -7.69 -0.78 -20.55
CA VAL A 28 -8.05 -1.05 -21.93
C VAL A 28 -9.41 -1.73 -21.87
N ASP A 29 -10.44 -1.08 -22.42
CA ASP A 29 -11.82 -1.58 -22.34
C ASP A 29 -12.22 -1.86 -20.88
N GLY A 30 -11.76 -1.00 -19.96
CA GLY A 30 -12.18 -1.11 -18.58
C GLY A 30 -11.41 -2.15 -17.80
N ARG A 31 -10.46 -2.79 -18.46
CA ARG A 31 -9.63 -3.80 -17.76
C ARG A 31 -8.26 -3.24 -17.48
N ILE A 32 -7.63 -3.68 -16.39
CA ILE A 32 -6.29 -3.20 -16.07
C ILE A 32 -5.27 -3.97 -16.91
N ALA A 33 -4.75 -3.31 -17.93
CA ALA A 33 -3.72 -3.90 -18.81
C ALA A 33 -2.36 -3.90 -18.15
N ALA A 34 -2.11 -2.89 -17.33
CA ALA A 34 -0.79 -2.72 -16.68
C ALA A 34 -0.90 -1.68 -15.59
N PHE A 35 -0.08 -1.83 -14.53
CA PHE A 35 -0.10 -0.81 -13.48
C PHE A 35 1.26 -0.97 -12.81
N ALA A 36 1.99 0.11 -12.60
CA ALA A 36 3.24 0.00 -11.83
C ALA A 36 3.49 1.25 -11.00
N GLU A 37 4.19 1.07 -9.88
CA GLU A 37 4.68 2.20 -9.11
C GLU A 37 6.11 2.54 -9.53
N GLU A 38 6.34 3.83 -9.69
CA GLU A 38 7.65 4.31 -10.12
C GLU A 38 8.77 3.75 -9.24
N GLU A 39 8.55 3.68 -7.90
CA GLU A 39 9.66 3.27 -7.02
C GLU A 39 10.16 1.85 -7.35
N ARG A 40 9.28 0.98 -7.81
CA ARG A 40 9.70 -0.41 -8.03
C ARG A 40 10.66 -0.49 -9.21
N LEU A 41 10.52 0.44 -10.15
CA LEU A 41 11.38 0.38 -11.35
C LEU A 41 12.63 1.25 -11.16
N THR A 42 12.49 2.41 -10.48
CA THR A 42 13.67 3.27 -10.24
C THR A 42 14.50 2.75 -9.05
N ARG A 43 13.88 1.91 -8.19
CA ARG A 43 14.52 1.46 -6.94
C ARG A 43 14.66 2.59 -5.92
N LYS A 44 13.97 3.70 -6.16
CA LYS A 44 13.97 4.83 -5.20
C LYS A 44 12.63 4.90 -4.46
N LYS A 45 12.67 4.55 -3.16
CA LYS A 45 11.41 4.44 -2.40
C LYS A 45 10.55 5.69 -2.47
N HIS A 46 9.24 5.45 -2.60
CA HIS A 46 8.19 6.46 -2.50
C HIS A 46 8.00 7.31 -3.74
N GLY A 47 8.82 7.15 -4.78
CA GLY A 47 8.44 7.81 -6.06
C GLY A 47 8.34 9.34 -5.95
N TYR A 48 9.31 9.99 -5.28
CA TYR A 48 9.26 11.41 -4.97
C TYR A 48 9.71 12.28 -6.14
N ASN A 49 8.99 13.38 -6.31
CA ASN A 49 9.38 14.50 -7.18
C ASN A 49 9.69 14.06 -8.61
N THR A 50 8.80 13.25 -9.15
CA THR A 50 9.00 12.81 -10.52
C THR A 50 7.68 12.50 -11.21
N ALA A 51 7.61 12.81 -12.50
CA ALA A 51 6.58 12.19 -13.33
C ALA A 51 6.84 10.70 -13.36
N PRO A 52 5.79 9.91 -13.60
CA PRO A 52 5.94 8.45 -13.55
C PRO A 52 6.48 7.93 -14.91
N VAL A 53 7.68 8.37 -15.25
CA VAL A 53 8.26 8.08 -16.56
C VAL A 53 8.46 6.59 -16.75
N GLN A 54 9.12 5.93 -15.79
CA GLN A 54 9.36 4.48 -15.98
C GLN A 54 8.09 3.68 -15.95
N ALA A 55 7.20 4.01 -15.00
CA ALA A 55 5.95 3.26 -14.88
C ALA A 55 5.10 3.39 -16.13
N ALA A 56 5.01 4.60 -16.68
CA ALA A 56 4.19 4.77 -17.89
C ALA A 56 4.84 4.10 -19.09
N ALA A 57 6.18 4.12 -19.14
CA ALA A 57 6.87 3.45 -20.25
C ALA A 57 6.59 1.93 -20.19
N PHE A 58 6.60 1.38 -18.99
CA PHE A 58 6.30 -0.05 -18.81
C PHE A 58 4.87 -0.28 -19.24
N CYS A 59 3.92 0.57 -18.82
CA CYS A 59 2.51 0.25 -19.14
C CYS A 59 2.32 0.20 -20.65
N LEU A 60 2.88 1.18 -21.36
CA LEU A 60 2.70 1.20 -22.82
C LEU A 60 3.39 -0.02 -23.47
N ALA A 61 4.58 -0.36 -23.01
CA ALA A 61 5.27 -1.50 -23.55
C ALA A 61 4.48 -2.78 -23.34
N GLN A 62 3.97 -2.94 -22.11
CA GLN A 62 3.24 -4.15 -21.76
C GLN A 62 2.03 -4.36 -22.68
N ALA A 63 1.37 -3.26 -23.00
CA ALA A 63 0.15 -3.31 -23.84
C ALA A 63 0.44 -3.25 -25.34
N GLY A 64 1.69 -3.01 -25.70
CA GLY A 64 2.03 -2.88 -27.13
C GLY A 64 1.48 -1.60 -27.76
N LEU A 65 1.44 -0.52 -26.95
CA LEU A 65 0.89 0.74 -27.38
C LEU A 65 1.91 1.85 -27.41
N THR A 66 1.59 2.91 -28.14
CA THR A 66 2.31 4.19 -27.99
C THR A 66 1.31 5.23 -27.52
N VAL A 67 1.80 6.44 -27.27
CA VAL A 67 0.85 7.51 -26.81
C VAL A 67 -0.18 7.83 -27.89
N ASP A 68 0.17 7.60 -29.16
CA ASP A 68 -0.79 7.84 -30.21
C ASP A 68 -1.92 6.86 -30.21
N ASP A 69 -1.77 5.75 -29.48
CA ASP A 69 -2.86 4.78 -29.38
C ASP A 69 -3.82 5.07 -28.22
N LEU A 70 -3.51 6.11 -27.44
CA LEU A 70 -4.33 6.37 -26.24
C LEU A 70 -5.51 7.26 -26.58
N ASP A 71 -6.68 6.95 -25.99
CA ASP A 71 -7.83 7.83 -26.09
C ASP A 71 -7.77 9.00 -25.11
N ALA A 72 -7.05 8.84 -24.03
CA ALA A 72 -6.92 9.92 -23.07
C ALA A 72 -5.74 9.64 -22.14
N VAL A 73 -5.23 10.70 -21.55
CA VAL A 73 -4.31 10.63 -20.42
C VAL A 73 -4.98 11.34 -19.25
N ALA A 74 -4.96 10.70 -18.08
CA ALA A 74 -5.67 11.26 -16.91
C ALA A 74 -4.70 11.39 -15.77
N PHE A 75 -4.76 12.50 -15.06
CA PHE A 75 -3.85 12.72 -13.93
C PHE A 75 -4.68 12.82 -12.67
N GLY A 76 -4.26 12.14 -11.60
CA GLY A 76 -5.07 12.02 -10.37
C GLY A 76 -5.09 13.16 -9.39
N TRP A 77 -4.81 14.40 -9.83
CA TRP A 77 -5.04 15.59 -9.03
C TRP A 77 -5.54 16.67 -9.95
N ASP A 78 -6.23 17.67 -9.41
CA ASP A 78 -6.57 18.84 -10.21
C ASP A 78 -5.38 19.82 -10.06
N LEU A 79 -4.30 19.53 -10.76
CA LEU A 79 -3.12 20.40 -10.68
C LEU A 79 -3.36 21.83 -11.10
N PRO A 80 -4.14 22.08 -12.17
CA PRO A 80 -4.36 23.49 -12.52
C PRO A 80 -4.97 24.25 -11.34
N ALA A 81 -5.93 23.63 -10.66
CA ALA A 81 -6.58 24.28 -9.50
C ALA A 81 -5.58 24.54 -8.38
N MET A 82 -4.66 23.63 -8.16
CA MET A 82 -3.72 23.79 -7.08
C MET A 82 -2.76 24.89 -7.43
N TYR A 83 -2.29 24.93 -8.69
CA TYR A 83 -1.42 26.03 -9.08
C TYR A 83 -2.10 27.38 -9.00
N ARG A 84 -3.35 27.44 -9.42
CA ARG A 84 -4.08 28.72 -9.38
C ARG A 84 -4.31 29.22 -7.99
N GLU A 85 -4.68 28.32 -7.09
CA GLU A 85 -5.05 28.71 -5.74
C GLU A 85 -3.81 28.97 -4.88
N ARG A 86 -2.74 28.19 -5.09
CA ARG A 86 -1.64 28.22 -4.12
C ARG A 86 -0.34 28.79 -4.67
N LEU A 87 -0.16 28.75 -6.01
CA LEU A 87 1.14 29.11 -6.57
C LEU A 87 1.05 30.29 -7.49
N GLY A 88 -0.10 30.96 -7.56
CA GLY A 88 -0.21 32.16 -8.39
C GLY A 88 -0.56 31.99 -9.86
N GLY A 89 -1.03 30.81 -10.24
CA GLY A 89 -1.42 30.58 -11.64
C GLY A 89 -0.91 29.28 -12.22
N TRP A 90 -1.66 28.74 -13.16
CA TRP A 90 -1.28 27.50 -13.90
C TRP A 90 -0.66 27.91 -15.21
N PRO A 91 0.65 27.67 -15.36
CA PRO A 91 1.40 28.27 -16.48
C PRO A 91 1.45 27.41 -17.77
N HIS A 92 0.90 26.20 -17.74
CA HIS A 92 1.18 25.25 -18.82
C HIS A 92 -0.02 25.03 -19.74
N SER A 93 0.23 25.05 -21.05
CA SER A 93 -0.77 24.54 -21.98
C SER A 93 -0.88 23.04 -21.78
N ASP A 94 -1.92 22.43 -22.34
CA ASP A 94 -2.03 20.96 -22.24
C ASP A 94 -0.81 20.29 -22.85
N SER A 95 -0.33 20.81 -23.97
N SER A 95 -0.31 20.80 -23.98
CA SER A 95 0.82 20.20 -24.60
CA SER A 95 0.86 20.17 -24.61
C SER A 95 2.06 20.30 -23.69
C SER A 95 2.13 20.34 -23.76
N GLU A 96 2.25 21.46 -23.07
CA GLU A 96 3.37 21.68 -22.15
C GLU A 96 3.29 20.76 -20.93
N ALA A 97 2.08 20.57 -20.42
CA ALA A 97 1.89 19.69 -19.27
C ALA A 97 2.19 18.24 -19.69
N LEU A 98 1.75 17.87 -20.88
CA LEU A 98 2.06 16.52 -21.37
C LEU A 98 3.56 16.30 -21.58
N ASP A 99 4.28 17.36 -21.97
CA ASP A 99 5.72 17.21 -22.14
C ASP A 99 6.41 16.97 -20.81
N ILE A 100 5.80 17.41 -19.71
CA ILE A 100 6.39 17.15 -18.37
C ILE A 100 6.00 15.76 -17.90
N LEU A 101 4.74 15.39 -18.08
CA LEU A 101 4.25 14.08 -17.62
C LEU A 101 4.82 12.93 -18.42
N LEU A 102 4.94 13.14 -19.74
CA LEU A 102 5.35 12.09 -20.66
C LEU A 102 6.41 12.68 -21.60
N PRO A 103 7.63 12.80 -21.09
CA PRO A 103 8.68 13.50 -21.88
C PRO A 103 8.89 12.84 -23.25
N ARG A 104 9.11 13.66 -24.24
CA ARG A 104 9.13 13.15 -25.62
C ARG A 104 10.30 12.24 -25.89
N ASP A 105 11.36 12.34 -25.11
CA ASP A 105 12.50 11.44 -25.35
C ASP A 105 12.12 10.01 -25.00
N VAL A 106 11.14 9.84 -24.11
CA VAL A 106 10.72 8.49 -23.78
C VAL A 106 9.39 8.16 -24.47
N PHE A 107 8.59 9.16 -24.79
CA PHE A 107 7.21 8.95 -25.30
C PHE A 107 7.00 9.76 -26.59
N PRO A 108 7.50 9.25 -27.70
CA PRO A 108 7.34 9.99 -28.96
C PRO A 108 5.84 9.99 -29.36
N ARG A 109 5.38 11.05 -30.00
N ARG A 109 5.36 11.10 -29.93
CA ARG A 109 4.01 11.03 -30.47
CA ARG A 109 3.93 11.24 -30.27
C ARG A 109 3.85 11.99 -31.64
C ARG A 109 3.72 12.14 -31.51
N ARG A 110 2.81 11.74 -32.43
CA ARG A 110 2.47 12.60 -33.54
C ARG A 110 1.62 13.77 -33.10
N THR A 111 0.69 13.53 -32.15
CA THR A 111 -0.24 14.56 -31.66
C THR A 111 -0.43 14.34 -30.17
N ASP A 112 -1.14 15.25 -29.51
CA ASP A 112 -1.39 15.13 -28.05
C ASP A 112 -2.64 14.32 -27.82
N PRO A 113 -2.62 13.36 -26.90
CA PRO A 113 -3.88 12.77 -26.48
C PRO A 113 -4.67 13.81 -25.64
N PRO A 114 -6.00 13.74 -25.57
CA PRO A 114 -6.75 14.52 -24.59
C PRO A 114 -6.17 14.33 -23.19
N LEU A 115 -6.04 15.42 -22.47
CA LEU A 115 -5.49 15.40 -21.09
C LEU A 115 -6.59 15.79 -20.11
N HIS A 116 -6.74 14.99 -19.07
CA HIS A 116 -7.79 15.22 -18.07
C HIS A 116 -7.15 15.32 -16.72
N PHE A 117 -7.53 16.33 -15.97
CA PHE A 117 -7.13 16.41 -14.56
C PHE A 117 -8.31 16.03 -13.71
N VAL A 118 -8.15 15.01 -12.87
CA VAL A 118 -9.24 14.48 -12.06
C VAL A 118 -9.00 14.92 -10.60
N GLN A 119 -10.02 15.53 -10.01
CA GLN A 119 -9.93 15.92 -8.57
C GLN A 119 -9.42 14.72 -7.76
N HIS A 120 -8.49 15.01 -6.87
CA HIS A 120 -7.74 13.93 -6.20
C HIS A 120 -8.67 12.96 -5.47
N HIS A 121 -9.62 13.50 -4.69
CA HIS A 121 -10.51 12.56 -3.98
C HIS A 121 -11.51 11.82 -4.86
N LEU A 122 -11.80 12.37 -6.02
CA LEU A 122 -12.61 11.64 -7.01
C LEU A 122 -11.80 10.47 -7.55
N ALA A 123 -10.51 10.72 -7.77
CA ALA A 123 -9.65 9.63 -8.23
C ALA A 123 -9.58 8.54 -7.15
N HIS A 124 -9.39 8.94 -5.88
CA HIS A 124 -9.39 7.92 -4.84
C HIS A 124 -10.73 7.14 -4.82
N ALA A 125 -11.83 7.89 -4.87
CA ALA A 125 -13.14 7.23 -4.82
C ALA A 125 -13.35 6.29 -6.01
N ALA A 126 -12.90 6.71 -7.21
CA ALA A 126 -13.03 5.86 -8.38
C ALA A 126 -12.23 4.56 -8.21
N SER A 127 -11.05 4.67 -7.56
CA SER A 127 -10.19 3.47 -7.42
C SER A 127 -10.81 2.44 -6.48
N ALA A 128 -11.74 2.89 -5.65
CA ALA A 128 -12.47 1.95 -4.80
C ALA A 128 -13.78 1.48 -5.51
N TYR A 129 -14.67 2.44 -5.83
CA TYR A 129 -15.98 2.06 -6.28
C TYR A 129 -15.93 1.22 -7.56
N TYR A 130 -15.21 1.70 -8.58
CA TYR A 130 -15.41 1.08 -9.91
C TYR A 130 -14.79 -0.31 -9.99
N PHE A 131 -13.89 -0.61 -9.07
CA PHE A 131 -13.19 -1.90 -9.07
C PHE A 131 -13.70 -2.88 -8.03
N SER A 132 -14.75 -2.47 -7.30
CA SER A 132 -15.21 -3.24 -6.13
C SER A 132 -16.08 -4.42 -6.47
N GLY A 133 -16.64 -4.48 -7.68
CA GLY A 133 -17.60 -5.54 -7.96
C GLY A 133 -18.99 -5.22 -7.39
N GLU A 134 -19.17 -4.02 -6.82
CA GLU A 134 -20.45 -3.66 -6.20
C GLU A 134 -21.07 -2.51 -6.93
N ASP A 135 -22.39 -2.51 -7.08
CA ASP A 135 -23.02 -1.50 -7.89
C ASP A 135 -23.32 -0.22 -7.13
N ARG A 136 -23.29 -0.26 -5.78
CA ARG A 136 -23.57 0.95 -5.02
C ARG A 136 -23.02 0.84 -3.61
N GLY A 137 -22.76 1.98 -2.99
CA GLY A 137 -22.26 1.95 -1.61
C GLY A 137 -21.91 3.34 -1.12
N ALA A 138 -21.54 3.44 0.15
CA ALA A 138 -21.08 4.70 0.70
C ALA A 138 -19.58 4.80 0.49
N VAL A 139 -19.10 5.99 0.18
CA VAL A 139 -17.66 6.15 -0.08
C VAL A 139 -17.06 7.00 1.05
N LEU A 140 -15.95 6.51 1.60
CA LEU A 140 -15.24 7.25 2.63
C LEU A 140 -13.78 7.40 2.20
N ILE A 141 -13.39 8.64 1.91
CA ILE A 141 -11.99 8.89 1.56
C ILE A 141 -11.32 9.61 2.72
N VAL A 142 -10.29 8.97 3.29
CA VAL A 142 -9.58 9.56 4.42
C VAL A 142 -8.11 9.57 4.01
N ASP A 143 -7.58 10.78 3.85
CA ASP A 143 -6.28 11.02 3.20
C ASP A 143 -5.35 11.81 4.08
N GLY A 144 -4.19 12.14 3.52
CA GLY A 144 -3.40 13.23 4.11
C GLY A 144 -4.11 14.51 3.66
N GLN A 145 -3.96 14.87 2.39
CA GLN A 145 -4.75 15.96 1.85
C GLN A 145 -4.85 15.83 0.34
N GLY A 146 -5.99 16.20 -0.21
CA GLY A 146 -6.12 16.41 -1.67
C GLY A 146 -5.77 17.84 -1.97
N GLU A 147 -6.47 18.46 -2.93
CA GLU A 147 -6.15 19.86 -3.22
C GLU A 147 -6.45 20.75 -2.02
N GLU A 148 -7.50 20.39 -1.28
CA GLU A 148 -7.91 21.20 -0.14
C GLU A 148 -8.34 20.32 1.03
N GLU A 149 -9.20 19.35 0.78
CA GLU A 149 -9.85 18.57 1.83
C GLU A 149 -9.02 17.37 2.22
N CYS A 150 -9.21 16.91 3.45
CA CYS A 150 -8.56 15.69 3.92
C CYS A 150 -9.49 14.51 3.99
N VAL A 151 -10.80 14.75 3.93
CA VAL A 151 -11.80 13.68 3.97
C VAL A 151 -12.90 14.05 3.01
N THR A 152 -13.41 13.05 2.25
CA THR A 152 -14.61 13.24 1.47
C THR A 152 -15.56 12.11 1.81
N LEU A 153 -16.84 12.44 2.02
CA LEU A 153 -17.90 11.44 2.13
C LEU A 153 -18.72 11.56 0.87
N ALA A 154 -19.03 10.42 0.26
CA ALA A 154 -19.72 10.48 -1.02
C ALA A 154 -20.64 9.27 -1.17
N HIS A 155 -21.54 9.35 -2.16
CA HIS A 155 -22.46 8.27 -2.45
C HIS A 155 -22.15 7.71 -3.84
N ALA A 156 -21.87 6.41 -3.91
CA ALA A 156 -21.58 5.75 -5.21
C ALA A 156 -22.85 4.97 -5.60
N GLU A 157 -23.45 5.33 -6.73
CA GLU A 157 -24.59 4.56 -7.20
C GLU A 157 -24.78 4.79 -8.70
N GLY A 158 -25.24 3.74 -9.38
CA GLY A 158 -25.55 3.85 -10.79
C GLY A 158 -24.39 4.38 -11.61
N GLY A 159 -23.17 4.06 -11.20
CA GLY A 159 -22.00 4.47 -11.98
C GLY A 159 -21.53 5.90 -11.70
N LYS A 160 -22.22 6.57 -10.77
CA LYS A 160 -21.90 7.97 -10.44
C LYS A 160 -21.38 8.08 -9.01
N ILE A 161 -20.55 9.09 -8.76
CA ILE A 161 -20.07 9.39 -7.39
C ILE A 161 -20.47 10.81 -7.05
N THR A 162 -21.27 10.97 -5.98
CA THR A 162 -21.77 12.26 -5.62
C THR A 162 -21.26 12.62 -4.23
N VAL A 163 -20.60 13.76 -4.14
CA VAL A 163 -20.01 14.20 -2.86
C VAL A 163 -21.11 14.71 -1.92
N LEU A 164 -21.05 14.26 -0.67
CA LEU A 164 -21.96 14.72 0.39
C LEU A 164 -21.33 15.77 1.31
N ASP A 165 -20.08 15.57 1.67
CA ASP A 165 -19.39 16.50 2.58
C ASP A 165 -17.89 16.30 2.52
N THR A 166 -17.17 17.28 3.02
CA THR A 166 -15.71 17.20 3.10
C THR A 166 -15.25 17.82 4.41
N VAL A 167 -14.00 17.51 4.77
CA VAL A 167 -13.34 18.10 5.96
C VAL A 167 -12.07 18.80 5.49
N PRO A 168 -11.83 20.04 5.97
CA PRO A 168 -10.70 20.82 5.43
C PRO A 168 -9.35 20.23 5.87
N GLY A 169 -8.33 20.51 5.09
CA GLY A 169 -7.06 19.84 5.25
C GLY A 169 -6.34 20.01 6.59
N ALA A 170 -6.53 21.15 7.26
CA ALA A 170 -5.82 21.34 8.53
C ALA A 170 -6.30 20.35 9.59
N TRP A 171 -7.46 19.71 9.37
CA TRP A 171 -7.94 18.71 10.30
C TRP A 171 -7.58 17.28 9.89
N SER A 172 -6.55 17.15 9.05
CA SER A 172 -6.23 15.85 8.47
C SER A 172 -5.90 14.78 9.49
N LEU A 173 -6.59 13.64 9.38
CA LEU A 173 -6.24 12.45 10.20
C LEU A 173 -4.99 11.79 9.65
N GLY A 174 -4.78 11.83 8.33
CA GLY A 174 -3.57 11.23 7.78
C GLY A 174 -2.34 12.02 8.20
N PHE A 175 -2.41 13.34 8.15
CA PHE A 175 -1.26 14.12 8.60
C PHE A 175 -1.01 13.91 10.11
N PHE A 176 -2.08 13.97 10.89
CA PHE A 176 -1.98 13.68 12.35
C PHE A 176 -1.20 12.38 12.56
N TYR A 177 -1.58 11.31 11.86
CA TYR A 177 -0.98 10.00 12.13
C TYR A 177 0.49 10.00 11.68
N GLU A 178 0.79 10.64 10.55
CA GLU A 178 2.18 10.78 10.11
C GLU A 178 3.00 11.59 11.09
N HIS A 179 2.39 12.66 11.66
CA HIS A 179 3.16 13.47 12.60
C HIS A 179 3.48 12.65 13.86
N VAL A 180 2.52 11.83 14.32
CA VAL A 180 2.83 10.99 15.50
C VAL A 180 3.93 9.99 15.11
N SER A 181 3.82 9.42 13.91
N SER A 181 3.82 9.42 13.91
CA SER A 181 4.84 8.46 13.50
CA SER A 181 4.84 8.49 13.42
C SER A 181 6.22 9.16 13.51
C SER A 181 6.22 9.16 13.49
N GLU A 182 6.30 10.38 12.99
CA GLU A 182 7.57 11.14 13.00
C GLU A 182 8.03 11.42 14.46
N TYR A 183 7.07 11.81 15.31
CA TYR A 183 7.38 12.15 16.72
C TYR A 183 8.01 10.98 17.45
N THR A 184 7.51 9.77 17.17
CA THR A 184 8.04 8.55 17.86
C THR A 184 9.42 8.13 17.34
N GLY A 185 9.86 8.72 16.22
CA GLY A 185 11.13 8.29 15.60
C GLY A 185 10.93 7.21 14.53
N LEU A 186 9.70 6.72 14.36
CA LEU A 186 9.45 5.77 13.25
C LEU A 186 9.53 6.45 11.92
N GLY A 187 9.16 7.74 11.88
CA GLY A 187 9.20 8.54 10.65
C GLY A 187 7.84 8.72 10.03
N GLY A 188 7.56 9.94 9.60
CA GLY A 188 6.27 10.23 8.96
C GLY A 188 6.06 9.45 7.66
N ASP A 189 7.16 8.99 7.07
CA ASP A 189 7.07 8.15 5.89
C ASP A 189 6.76 6.65 6.18
N ASN A 190 6.61 6.30 7.46
CA ASN A 190 6.42 4.90 7.85
C ASN A 190 5.21 4.73 8.79
N PRO A 191 4.05 5.28 8.42
CA PRO A 191 2.88 5.16 9.34
C PRO A 191 2.47 3.69 9.54
N GLY A 192 2.82 2.79 8.61
CA GLY A 192 2.52 1.38 8.88
C GLY A 192 3.27 0.83 10.10
N LYS A 193 4.45 1.38 10.37
CA LYS A 193 5.20 0.95 11.54
C LYS A 193 4.46 1.41 12.78
N LEU A 194 3.86 2.60 12.75
CA LEU A 194 3.17 3.09 13.94
C LEU A 194 1.99 2.15 14.24
N MET A 195 1.28 1.72 13.18
CA MET A 195 0.14 0.83 13.38
C MET A 195 0.62 -0.48 14.05
N GLY A 196 1.79 -0.97 13.64
CA GLY A 196 2.28 -2.22 14.27
C GLY A 196 2.71 -1.96 15.71
N LEU A 197 3.33 -0.81 15.95
CA LEU A 197 3.78 -0.46 17.30
C LEU A 197 2.58 -0.31 18.24
N ALA A 198 1.47 0.21 17.70
CA ALA A 198 0.29 0.48 18.51
C ALA A 198 -0.23 -0.79 19.22
N ALA A 199 -0.01 -1.94 18.61
CA ALA A 199 -0.49 -3.19 19.20
C ALA A 199 0.19 -3.53 20.53
N HIS A 200 1.32 -2.87 20.77
CA HIS A 200 2.11 -3.17 21.96
C HIS A 200 1.87 -2.20 23.10
N GLY A 201 1.10 -1.14 22.83
CA GLY A 201 0.86 -0.11 23.83
C GLY A 201 -0.52 -0.17 24.45
N THR A 202 -0.75 0.72 25.41
CA THR A 202 -2.04 0.84 26.08
C THR A 202 -2.56 2.24 25.93
N THR A 203 -3.86 2.41 25.67
CA THR A 203 -4.42 3.74 25.45
C THR A 203 -4.88 4.29 26.72
N VAL A 204 -4.51 5.54 26.96
CA VAL A 204 -4.88 6.19 28.17
C VAL A 204 -6.15 7.05 27.93
N ASP A 205 -5.98 8.03 27.09
CA ASP A 205 -7.01 9.02 26.84
C ASP A 205 -6.99 9.24 25.32
N GLU A 206 -7.96 8.64 24.65
CA GLU A 206 -7.95 8.61 23.16
C GLU A 206 -8.27 9.94 22.54
N THR A 207 -8.61 10.96 23.34
CA THR A 207 -8.74 12.29 22.76
C THR A 207 -7.40 12.99 22.53
N LEU A 208 -6.34 12.50 23.20
CA LEU A 208 -5.03 13.17 23.17
C LEU A 208 -5.17 14.65 23.55
N SER A 209 -6.21 14.97 24.33
CA SER A 209 -6.49 16.35 24.67
C SER A 209 -6.60 17.28 23.46
N ALA A 210 -7.00 16.71 22.33
CA ALA A 210 -7.07 17.43 21.06
C ALA A 210 -8.38 17.14 20.31
N PHE A 211 -8.74 15.87 20.25
CA PHE A 211 -9.96 15.48 19.52
C PHE A 211 -11.16 15.55 20.43
N ALA A 212 -12.30 15.91 19.84
CA ALA A 212 -13.62 15.63 20.47
C ALA A 212 -14.35 14.79 19.48
N PHE A 213 -14.87 13.67 19.95
CA PHE A 213 -15.54 12.72 19.05
C PHE A 213 -17.04 12.86 19.10
N ASP A 214 -17.68 12.62 17.96
CA ASP A 214 -19.16 12.61 17.92
C ASP A 214 -19.62 11.51 16.97
N SER A 215 -20.94 11.28 16.95
CA SER A 215 -21.53 10.22 16.18
C SER A 215 -21.27 10.32 14.63
N ASP A 216 -20.88 11.51 14.17
CA ASP A 216 -20.60 11.72 12.75
C ASP A 216 -19.13 11.88 12.42
N GLY A 217 -18.26 11.70 13.41
CA GLY A 217 -16.84 11.94 13.15
C GLY A 217 -16.12 12.62 14.31
N TYR A 218 -15.53 13.77 14.05
CA TYR A 218 -14.64 14.38 15.04
C TYR A 218 -14.51 15.88 14.85
N ARG A 219 -14.03 16.54 15.90
CA ARG A 219 -13.56 17.91 15.81
C ARG A 219 -12.14 17.94 16.34
N LEU A 220 -11.33 18.88 15.85
CA LEU A 220 -9.98 19.03 16.36
C LEU A 220 -9.81 20.45 16.90
N ASN A 221 -9.67 20.51 18.22
N ASN A 221 -9.68 20.56 18.20
CA ASN A 221 -9.55 21.76 18.94
CA ASN A 221 -9.61 21.86 18.82
C ASN A 221 -8.24 22.46 18.73
C ASN A 221 -8.21 22.44 18.85
N LEU A 222 -7.25 21.70 18.32
CA LEU A 222 -5.90 22.16 18.33
C LEU A 222 -5.56 23.19 17.23
N ILE A 223 -6.32 23.18 16.14
CA ILE A 223 -5.97 24.02 15.03
C ILE A 223 -7.26 24.51 14.37
N ASP A 224 -7.20 25.70 13.85
CA ASP A 224 -8.31 26.30 13.12
C ASP A 224 -8.53 25.44 11.87
N PRO A 225 -9.75 24.94 11.66
CA PRO A 225 -9.97 24.06 10.49
C PRO A 225 -9.71 24.80 9.18
N GLN A 226 -9.76 26.13 9.16
CA GLN A 226 -9.47 26.81 7.91
C GLN A 226 -8.05 27.31 7.81
N ALA A 227 -7.18 26.84 8.71
CA ALA A 227 -5.77 27.24 8.65
C ALA A 227 -5.17 26.87 7.31
N ARG A 228 -4.41 27.79 6.72
CA ARG A 228 -3.76 27.45 5.46
C ARG A 228 -2.35 27.97 5.47
N ASP A 229 -1.40 27.17 5.00
CA ASP A 229 -0.04 27.65 4.86
C ASP A 229 0.11 28.65 3.67
N PRO A 230 0.37 29.92 3.93
CA PRO A 230 0.49 30.93 2.87
C PRO A 230 1.70 30.66 1.96
N GLU A 231 2.67 29.94 2.51
CA GLU A 231 3.92 29.70 1.81
C GLU A 231 4.05 28.28 1.25
N ASP A 232 2.96 27.51 1.24
CA ASP A 232 3.03 26.15 0.65
C ASP A 232 1.75 25.81 -0.09
N TRP A 233 1.64 24.61 -0.66
CA TRP A 233 0.39 24.27 -1.32
C TRP A 233 -0.33 23.14 -0.63
N ASP A 234 0.12 22.77 0.58
CA ASP A 234 -0.69 21.88 1.43
C ASP A 234 -0.44 22.30 2.87
N GLU A 235 -1.17 21.64 3.78
CA GLU A 235 -1.16 22.11 5.16
C GLU A 235 -0.23 21.27 6.05
N TYR A 236 0.62 20.44 5.45
CA TYR A 236 1.46 19.53 6.24
C TYR A 236 2.36 20.26 7.25
N SER A 237 3.00 21.36 6.82
CA SER A 237 3.90 22.04 7.78
C SER A 237 3.14 22.72 8.91
N VAL A 238 1.96 23.26 8.61
CA VAL A 238 1.13 23.90 9.66
C VAL A 238 0.61 22.86 10.66
N THR A 239 0.13 21.73 10.15
CA THR A 239 -0.31 20.66 11.05
C THR A 239 0.86 20.07 11.81
N GLU A 240 2.05 19.96 11.17
CA GLU A 240 3.18 19.39 11.85
C GLU A 240 3.54 20.25 13.07
N ARG A 241 3.60 21.58 12.85
CA ARG A 241 4.00 22.47 13.92
C ARG A 241 3.03 22.37 15.09
N ALA A 242 1.75 22.37 14.78
CA ALA A 242 0.68 22.33 15.79
C ALA A 242 0.72 21.00 16.58
N TRP A 243 0.85 19.87 15.86
CA TRP A 243 0.88 18.57 16.52
C TRP A 243 2.15 18.36 17.35
N PHE A 244 3.30 18.77 16.83
CA PHE A 244 4.54 18.59 17.59
C PHE A 244 4.50 19.39 18.88
N ALA A 245 4.03 20.63 18.80
CA ALA A 245 3.94 21.44 20.02
C ALA A 245 2.97 20.83 21.02
N HIS A 246 1.83 20.39 20.51
CA HIS A 246 0.79 19.81 21.38
C HIS A 246 1.27 18.54 22.05
N LEU A 247 1.87 17.64 21.28
CA LEU A 247 2.32 16.34 21.84
C LEU A 247 3.41 16.58 22.87
N GLU A 248 4.30 17.54 22.64
CA GLU A 248 5.38 17.77 23.64
C GLU A 248 4.78 18.28 24.95
N ARG A 249 3.69 19.02 24.85
N ARG A 249 3.68 19.03 24.84
CA ARG A 249 2.99 19.51 26.05
CA ARG A 249 2.98 19.50 26.05
C ARG A 249 2.28 18.39 26.82
C ARG A 249 2.31 18.37 26.81
N ILE A 250 1.61 17.49 26.11
CA ILE A 250 0.71 16.56 26.78
C ILE A 250 1.29 15.18 27.03
N TYR A 251 2.32 14.79 26.28
CA TYR A 251 2.85 13.43 26.40
C TYR A 251 4.14 13.45 27.20
N ARG A 252 4.43 12.38 27.93
CA ARG A 252 5.55 12.40 28.86
C ARG A 252 6.94 12.51 28.21
N LEU A 253 7.05 12.06 26.94
CA LEU A 253 8.34 12.11 26.24
C LEU A 253 8.33 13.20 25.18
N PRO A 254 9.43 13.92 25.03
CA PRO A 254 9.56 14.90 23.92
C PRO A 254 9.75 14.14 22.60
N PRO A 255 9.79 14.85 21.49
CA PRO A 255 10.01 14.17 20.20
C PRO A 255 11.27 13.31 20.22
N ASN A 256 11.19 12.18 19.53
CA ASN A 256 12.42 11.40 19.35
C ASN A 256 13.26 12.18 18.34
N GLU A 257 14.54 12.18 18.46
CA GLU A 257 15.31 12.88 17.46
C GLU A 257 16.06 11.89 16.62
N PHE A 258 16.29 12.28 15.38
CA PHE A 258 17.13 11.48 14.50
C PHE A 258 18.58 11.88 14.69
N VAL A 259 19.46 10.89 14.62
CA VAL A 259 20.87 11.05 14.84
C VAL A 259 21.64 10.59 13.60
N ARG A 260 22.57 11.43 13.12
CA ARG A 260 23.37 11.06 11.92
C ARG A 260 24.79 10.94 12.33
N ARG A 261 25.35 9.74 12.31
CA ARG A 261 26.72 9.56 12.74
C ARG A 261 27.46 8.57 11.84
N TYR A 262 28.75 8.83 11.67
CA TYR A 262 29.59 7.91 10.94
C TYR A 262 29.70 6.59 11.72
N ASP A 263 29.40 5.47 11.02
CA ASP A 263 29.48 4.13 11.62
C ASP A 263 30.65 3.42 10.97
N PRO A 264 31.72 3.21 11.71
CA PRO A 264 32.92 2.57 11.12
C PRO A 264 32.70 1.14 10.66
N ALA A 265 31.71 0.44 11.20
CA ALA A 265 31.43 -0.90 10.69
C ALA A 265 30.85 -0.86 9.30
N LYS A 266 30.16 0.23 8.97
CA LYS A 266 29.48 0.36 7.67
C LYS A 266 30.26 1.28 6.72
N GLY A 267 31.17 2.07 7.24
CA GLY A 267 31.93 3.01 6.42
C GLY A 267 31.12 4.16 5.84
N ARG A 268 30.04 4.52 6.52
N ARG A 268 30.07 4.55 6.54
CA ARG A 268 29.12 5.56 6.06
CA ARG A 268 29.25 5.67 6.08
C ARG A 268 28.51 6.27 7.25
C ARG A 268 28.49 6.26 7.24
N VAL A 269 27.96 7.46 7.01
CA VAL A 269 27.09 8.11 7.99
C VAL A 269 25.73 7.43 7.90
N VAL A 270 25.21 6.99 9.06
CA VAL A 270 23.94 6.28 9.08
C VAL A 270 22.99 7.03 9.99
N ARG A 271 21.71 6.88 9.76
CA ARG A 271 20.69 7.58 10.55
C ARG A 271 20.10 6.59 11.58
N ASP A 272 19.98 7.06 12.80
CA ASP A 272 19.36 6.26 13.85
C ASP A 272 18.47 7.20 14.65
N THR A 273 17.85 6.68 15.70
CA THR A 273 17.06 7.56 16.57
C THR A 273 17.71 7.64 17.93
N ARG A 274 17.47 8.73 18.63
CA ARG A 274 18.11 8.95 19.91
C ARG A 274 17.52 8.02 20.95
N ARG A 275 16.20 7.86 20.96
CA ARG A 275 15.46 6.90 21.80
C ARG A 275 14.97 5.69 21.03
N ASP A 276 14.69 4.59 21.73
CA ASP A 276 14.01 3.44 21.06
C ASP A 276 12.55 3.85 20.83
N PRO A 277 12.06 3.78 19.56
CA PRO A 277 10.64 4.14 19.33
C PRO A 277 9.69 3.29 20.15
N TYR A 278 10.10 2.10 20.55
CA TYR A 278 9.23 1.21 21.40
C TYR A 278 8.85 1.91 22.70
N GLU A 279 9.70 2.83 23.16
CA GLU A 279 9.33 3.61 24.39
C GLU A 279 8.03 4.42 24.22
N TYR A 280 7.68 4.71 22.96
CA TYR A 280 6.50 5.54 22.63
C TYR A 280 5.27 4.67 22.33
N ARG A 281 5.33 3.40 22.70
CA ARG A 281 4.23 2.50 22.35
C ARG A 281 2.85 2.99 22.88
N ASP A 282 2.80 3.61 24.07
CA ASP A 282 1.49 4.08 24.54
C ASP A 282 0.98 5.25 23.69
N LEU A 283 1.89 6.12 23.24
CA LEU A 283 1.45 7.17 22.31
C LEU A 283 0.93 6.53 21.01
N ALA A 284 1.65 5.54 20.51
CA ALA A 284 1.19 4.81 19.28
C ALA A 284 -0.20 4.20 19.47
N ALA A 285 -0.42 3.53 20.61
CA ALA A 285 -1.71 2.94 20.90
C ALA A 285 -2.78 4.03 20.96
N THR A 286 -2.46 5.14 21.59
CA THR A 286 -3.46 6.19 21.78
C THR A 286 -3.79 6.86 20.45
N ALA A 287 -2.76 7.06 19.62
CA ALA A 287 -3.03 7.67 18.28
C ALA A 287 -3.87 6.74 17.40
N GLN A 288 -3.58 5.44 17.45
CA GLN A 288 -4.35 4.49 16.69
C GLN A 288 -5.80 4.46 17.20
N ALA A 289 -6.00 4.54 18.53
CA ALA A 289 -7.36 4.56 19.05
C ALA A 289 -8.12 5.85 18.62
N ALA A 290 -7.43 6.99 18.59
CA ALA A 290 -8.02 8.26 18.18
C ALA A 290 -8.44 8.19 16.71
N LEU A 291 -7.53 7.69 15.88
CA LEU A 291 -7.82 7.53 14.44
C LEU A 291 -9.04 6.65 14.25
N GLU A 292 -9.05 5.51 14.94
CA GLU A 292 -10.17 4.57 14.83
C GLU A 292 -11.48 5.25 15.21
N ARG A 293 -11.51 5.91 16.37
CA ARG A 293 -12.78 6.50 16.81
C ARG A 293 -13.27 7.57 15.83
N ALA A 294 -12.34 8.41 15.34
CA ALA A 294 -12.75 9.44 14.37
C ALA A 294 -13.34 8.79 13.14
N VAL A 295 -12.62 7.80 12.58
CA VAL A 295 -13.10 7.15 11.34
C VAL A 295 -14.41 6.36 11.54
N PHE A 296 -14.58 5.72 12.70
CA PHE A 296 -15.87 5.04 12.97
C PHE A 296 -17.03 6.00 12.81
N GLY A 297 -16.87 7.24 13.31
CA GLY A 297 -17.91 8.27 13.21
C GLY A 297 -18.15 8.67 11.76
N LEU A 298 -17.05 8.92 11.04
CA LEU A 298 -17.19 9.31 9.62
C LEU A 298 -17.89 8.18 8.83
N ALA A 299 -17.50 6.93 9.07
CA ALA A 299 -18.08 5.80 8.34
C ALA A 299 -19.54 5.65 8.69
N ASP A 300 -19.87 5.69 9.98
CA ASP A 300 -21.28 5.57 10.35
C ASP A 300 -22.08 6.69 9.68
N SER A 301 -21.49 7.86 9.60
CA SER A 301 -22.22 9.02 9.11
C SER A 301 -22.56 8.85 7.62
N VAL A 302 -21.57 8.48 6.82
CA VAL A 302 -21.84 8.39 5.40
C VAL A 302 -22.76 7.19 5.10
N LEU A 303 -22.62 6.09 5.84
CA LEU A 303 -23.53 4.97 5.63
C LEU A 303 -24.96 5.38 5.98
N ALA A 304 -25.13 6.11 7.07
CA ALA A 304 -26.47 6.51 7.50
C ALA A 304 -27.09 7.50 6.50
N ARG A 305 -26.27 8.44 6.02
CA ARG A 305 -26.74 9.48 5.10
C ARG A 305 -27.14 8.91 3.74
N THR A 306 -26.46 7.86 3.32
CA THR A 306 -26.70 7.31 1.97
C THR A 306 -27.65 6.14 2.02
N GLY A 307 -27.93 5.64 3.22
CA GLY A 307 -28.77 4.47 3.34
C GLY A 307 -28.15 3.19 2.82
N GLU A 308 -26.82 3.16 2.70
CA GLU A 308 -26.11 1.99 2.24
C GLU A 308 -25.55 1.15 3.39
N ARG A 309 -25.24 -0.11 3.10
CA ARG A 309 -24.53 -0.95 4.07
C ARG A 309 -23.25 -1.50 3.48
N THR A 310 -22.91 -1.05 2.28
CA THR A 310 -21.58 -1.37 1.70
C THR A 310 -20.72 -0.14 1.79
N LEU A 311 -19.49 -0.33 2.29
CA LEU A 311 -18.54 0.78 2.50
C LEU A 311 -17.32 0.64 1.59
N PHE A 312 -17.05 1.69 0.83
CA PHE A 312 -15.82 1.78 0.00
C PHE A 312 -14.89 2.76 0.72
N VAL A 313 -13.66 2.32 0.98
CA VAL A 313 -12.70 3.21 1.60
C VAL A 313 -11.45 3.38 0.73
N ALA A 314 -10.98 4.59 0.61
CA ALA A 314 -9.66 4.80 -0.01
C ALA A 314 -9.07 6.06 0.56
N GLY A 315 -7.96 6.53 -0.02
CA GLY A 315 -7.12 7.47 0.68
C GLY A 315 -6.08 6.71 1.51
N GLY A 316 -4.95 7.38 1.81
CA GLY A 316 -3.84 6.70 2.47
C GLY A 316 -4.21 6.08 3.82
N VAL A 317 -5.18 6.65 4.54
CA VAL A 317 -5.50 6.08 5.85
C VAL A 317 -6.19 4.73 5.64
N GLY A 318 -6.72 4.50 4.44
CA GLY A 318 -7.32 3.19 4.17
C GLY A 318 -6.30 2.06 4.15
N LEU A 319 -5.01 2.35 4.23
CA LEU A 319 -4.05 1.27 4.41
C LEU A 319 -3.99 0.77 5.86
N ASN A 320 -4.72 1.43 6.75
CA ASN A 320 -4.70 1.01 8.15
C ASN A 320 -5.58 -0.22 8.37
N ALA A 321 -4.96 -1.39 8.24
CA ALA A 321 -5.69 -2.66 8.25
C ALA A 321 -6.34 -2.92 9.59
N THR A 322 -5.69 -2.49 10.67
CA THR A 322 -6.28 -2.64 12.01
C THR A 322 -7.61 -1.91 12.10
N MET A 323 -7.60 -0.66 11.64
CA MET A 323 -8.82 0.15 11.62
C MET A 323 -9.84 -0.49 10.70
N ASN A 324 -9.43 -0.92 9.52
CA ASN A 324 -10.38 -1.53 8.58
C ASN A 324 -11.07 -2.74 9.18
N GLY A 325 -10.32 -3.56 9.94
CA GLY A 325 -10.92 -4.77 10.50
C GLY A 325 -11.98 -4.42 11.56
N LYS A 326 -11.78 -3.30 12.24
CA LYS A 326 -12.78 -2.86 13.26
C LYS A 326 -13.99 -2.21 12.57
N LEU A 327 -13.79 -1.58 11.40
CA LEU A 327 -14.94 -1.12 10.60
C LEU A 327 -15.81 -2.29 10.13
N LEU A 328 -15.14 -3.35 9.68
CA LEU A 328 -15.88 -4.48 9.10
C LEU A 328 -16.83 -5.11 10.13
N THR A 329 -16.41 -5.12 11.40
CA THR A 329 -17.23 -5.76 12.43
C THR A 329 -18.34 -4.84 12.99
N ARG A 330 -18.41 -3.60 12.53
CA ARG A 330 -19.40 -2.65 13.04
C ARG A 330 -20.80 -3.03 12.60
N SER A 331 -21.77 -2.77 13.45
CA SER A 331 -23.12 -3.16 13.12
C SER A 331 -23.66 -2.41 11.92
N THR A 332 -23.00 -1.32 11.53
CA THR A 332 -23.49 -0.44 10.48
C THR A 332 -22.96 -0.83 9.07
N VAL A 333 -22.05 -1.82 9.01
CA VAL A 333 -21.33 -2.18 7.78
C VAL A 333 -21.66 -3.62 7.48
N ASP A 334 -22.10 -3.95 6.28
CA ASP A 334 -22.26 -5.36 5.91
C ASP A 334 -21.14 -5.81 5.03
N LYS A 335 -20.79 -5.01 4.04
CA LYS A 335 -19.72 -5.36 3.09
C LYS A 335 -18.75 -4.20 3.01
N MET A 336 -17.49 -4.52 2.77
CA MET A 336 -16.50 -3.47 2.61
C MET A 336 -15.56 -3.80 1.45
N PHE A 337 -15.15 -2.76 0.74
CA PHE A 337 -14.07 -2.93 -0.25
C PHE A 337 -13.05 -1.85 -0.08
N VAL A 338 -11.78 -2.26 0.04
CA VAL A 338 -10.67 -1.32 0.06
C VAL A 338 -9.67 -1.83 -0.97
N PRO A 339 -9.31 -1.05 -1.96
CA PRO A 339 -8.36 -1.51 -2.97
C PRO A 339 -6.93 -1.56 -2.39
N PRO A 340 -6.08 -2.41 -2.97
CA PRO A 340 -4.70 -2.52 -2.52
C PRO A 340 -3.97 -1.21 -2.72
N VAL A 341 -4.47 -0.39 -3.62
CA VAL A 341 -3.88 0.91 -3.91
C VAL A 341 -4.68 2.06 -3.33
N ALA A 342 -5.14 1.91 -2.10
CA ALA A 342 -5.87 2.96 -1.41
C ALA A 342 -5.09 4.26 -1.26
N SER A 343 -3.78 4.18 -1.15
CA SER A 343 -2.95 5.37 -1.01
C SER A 343 -2.83 6.09 -2.34
N ASP A 344 -2.00 7.14 -2.35
CA ASP A 344 -1.92 7.96 -3.57
C ASP A 344 -1.45 7.20 -4.80
N ILE A 345 -0.75 6.10 -4.61
CA ILE A 345 -0.38 5.31 -5.84
C ILE A 345 -1.58 4.94 -6.65
N GLY A 346 -2.75 4.81 -5.98
CA GLY A 346 -3.96 4.42 -6.69
C GLY A 346 -4.67 5.52 -7.47
N VAL A 347 -4.24 6.76 -7.36
CA VAL A 347 -5.00 7.81 -8.07
C VAL A 347 -4.66 7.86 -9.55
N SER A 348 -3.58 7.20 -9.97
CA SER A 348 -3.39 7.01 -11.42
C SER A 348 -4.52 6.11 -11.96
N LEU A 349 -4.71 4.97 -11.31
CA LEU A 349 -5.76 4.04 -11.70
C LEU A 349 -7.13 4.70 -11.57
N GLY A 350 -7.37 5.39 -10.43
CA GLY A 350 -8.65 6.03 -10.23
C GLY A 350 -8.95 7.10 -11.28
N ALA A 351 -7.93 7.89 -11.61
CA ALA A 351 -8.13 8.92 -12.63
C ALA A 351 -8.46 8.28 -13.99
N ALA A 352 -7.74 7.22 -14.32
CA ALA A 352 -8.04 6.53 -15.57
C ALA A 352 -9.47 5.99 -15.57
N ALA A 353 -9.91 5.46 -14.42
CA ALA A 353 -11.26 4.90 -14.36
C ALA A 353 -12.32 5.97 -14.53
N ALA A 354 -12.13 7.10 -13.83
CA ALA A 354 -13.10 8.15 -13.91
C ALA A 354 -13.25 8.59 -15.38
N VAL A 355 -12.13 8.71 -16.06
CA VAL A 355 -12.15 9.19 -17.46
C VAL A 355 -12.74 8.11 -18.36
N ALA A 356 -12.37 6.84 -18.12
CA ALA A 356 -12.89 5.76 -18.95
C ALA A 356 -14.42 5.65 -18.82
N VAL A 357 -14.93 5.83 -17.58
CA VAL A 357 -16.35 5.84 -17.38
C VAL A 357 -17.00 6.99 -18.12
N GLU A 358 -16.41 8.17 -18.09
CA GLU A 358 -16.97 9.32 -18.76
C GLU A 358 -17.01 9.04 -20.28
N LEU A 359 -16.07 8.23 -20.77
CA LEU A 359 -15.98 7.91 -22.20
C LEU A 359 -16.87 6.73 -22.56
N GLY A 360 -17.57 6.19 -21.57
CA GLY A 360 -18.61 5.19 -21.82
C GLY A 360 -18.21 3.76 -21.54
N ASP A 361 -17.02 3.55 -20.97
CA ASP A 361 -16.60 2.16 -20.66
C ASP A 361 -17.21 1.68 -19.36
N ARG A 362 -17.29 0.36 -19.25
CA ARG A 362 -17.63 -0.29 -17.98
C ARG A 362 -16.34 -0.81 -17.38
N ILE A 363 -16.14 -0.60 -16.06
CA ILE A 363 -14.91 -1.01 -15.41
C ILE A 363 -15.07 -2.40 -14.79
N ALA A 364 -14.13 -3.29 -15.08
CA ALA A 364 -14.19 -4.66 -14.54
C ALA A 364 -13.73 -4.65 -13.09
N PRO A 365 -14.22 -5.56 -12.27
CA PRO A 365 -13.71 -5.66 -10.89
C PRO A 365 -12.24 -6.06 -10.85
N MET A 366 -11.52 -5.61 -9.82
CA MET A 366 -10.12 -6.02 -9.66
C MET A 366 -9.94 -7.49 -9.58
N GLY A 367 -10.90 -8.15 -8.95
CA GLY A 367 -10.91 -9.62 -8.90
C GLY A 367 -9.83 -10.36 -8.09
N ASP A 368 -9.62 -9.97 -6.86
CA ASP A 368 -8.79 -10.84 -6.01
C ASP A 368 -7.32 -10.93 -6.37
N THR A 369 -6.84 -10.04 -7.25
CA THR A 369 -5.41 -9.99 -7.57
C THR A 369 -4.92 -8.54 -7.65
N ALA A 370 -3.62 -8.35 -7.45
CA ALA A 370 -3.05 -7.04 -7.67
C ALA A 370 -1.86 -7.21 -8.60
N ALA A 371 -1.82 -8.30 -9.36
CA ALA A 371 -0.60 -8.67 -10.12
C ALA A 371 -0.61 -8.05 -11.51
N TRP A 372 -0.24 -6.76 -11.54
CA TRP A 372 -0.32 -5.98 -12.78
C TRP A 372 1.00 -5.38 -13.26
N GLY A 373 2.04 -5.58 -12.48
CA GLY A 373 3.33 -5.05 -12.86
C GLY A 373 4.11 -5.95 -13.83
N PRO A 374 5.40 -5.66 -14.03
CA PRO A 374 6.14 -6.49 -15.00
C PRO A 374 6.31 -7.93 -14.59
N GLU A 375 6.34 -8.80 -15.62
CA GLU A 375 6.76 -10.17 -15.43
C GLU A 375 7.92 -10.46 -16.41
N PHE A 376 8.55 -11.60 -16.15
CA PHE A 376 9.79 -11.96 -16.90
C PHE A 376 9.73 -13.40 -17.35
N SER A 377 10.16 -13.66 -18.59
CA SER A 377 10.11 -15.02 -19.12
C SER A 377 11.30 -15.81 -18.58
N PRO A 378 11.24 -17.12 -18.70
CA PRO A 378 12.35 -17.94 -18.25
C PRO A 378 13.66 -17.51 -18.92
N ASP A 379 13.66 -17.18 -20.22
CA ASP A 379 14.89 -16.70 -20.81
C ASP A 379 15.39 -15.43 -20.16
N GLN A 380 14.46 -14.51 -19.79
CA GLN A 380 14.90 -13.26 -19.16
C GLN A 380 15.47 -13.49 -17.76
N VAL A 381 14.84 -14.41 -17.05
CA VAL A 381 15.33 -14.76 -15.71
C VAL A 381 16.72 -15.40 -15.82
N ARG A 382 16.85 -16.30 -16.80
CA ARG A 382 18.11 -17.01 -17.00
C ARG A 382 19.22 -16.01 -17.34
N ALA A 383 18.91 -14.96 -18.10
CA ALA A 383 19.92 -13.97 -18.40
C ALA A 383 20.44 -13.32 -17.14
N ALA A 384 19.53 -13.02 -16.22
CA ALA A 384 19.94 -12.38 -14.95
C ALA A 384 20.73 -13.37 -14.12
N LEU A 385 20.29 -14.64 -14.08
CA LEU A 385 21.07 -15.62 -13.33
C LEU A 385 22.47 -15.79 -13.93
N ASP A 386 22.54 -15.82 -15.26
CA ASP A 386 23.84 -16.17 -15.90
C ASP A 386 24.80 -14.99 -15.60
N ARG A 387 24.30 -13.76 -15.39
CA ARG A 387 25.16 -12.64 -14.90
C ARG A 387 25.88 -12.85 -13.55
N THR A 388 25.27 -13.56 -12.66
CA THR A 388 25.82 -13.67 -11.33
C THR A 388 26.90 -14.74 -11.33
N GLY A 389 26.83 -15.71 -12.24
CA GLY A 389 27.71 -16.88 -12.12
C GLY A 389 27.25 -17.92 -11.10
N LEU A 390 26.13 -17.68 -10.42
CA LEU A 390 25.64 -18.64 -9.42
C LEU A 390 25.16 -19.92 -10.06
N ALA A 391 25.29 -21.03 -9.32
CA ALA A 391 24.72 -22.26 -9.78
C ALA A 391 23.24 -22.25 -9.43
N TYR A 392 22.45 -22.95 -10.21
CA TYR A 392 21.01 -23.04 -9.95
C TYR A 392 20.40 -24.30 -10.56
N ARG A 393 19.17 -24.61 -10.15
CA ARG A 393 18.44 -25.77 -10.63
C ARG A 393 17.15 -25.35 -11.29
N GLU A 394 16.59 -26.25 -12.08
CA GLU A 394 15.26 -26.05 -12.69
C GLU A 394 14.39 -27.25 -12.27
N PRO A 395 13.78 -27.18 -11.06
CA PRO A 395 13.07 -28.35 -10.51
C PRO A 395 11.94 -28.83 -11.35
N ALA A 396 11.78 -30.14 -11.39
CA ALA A 396 10.62 -30.68 -12.12
C ALA A 396 9.32 -30.24 -11.49
N ASN A 397 9.30 -30.11 -10.15
CA ASN A 397 8.13 -29.58 -9.48
C ASN A 397 8.54 -28.54 -8.47
N LEU A 398 8.67 -27.30 -8.96
CA LEU A 398 9.18 -26.20 -8.15
C LEU A 398 8.26 -25.94 -6.94
N GLU A 399 6.96 -26.01 -7.16
CA GLU A 399 6.01 -25.68 -6.08
C GLU A 399 6.10 -26.69 -4.94
N ARG A 400 6.23 -27.95 -5.29
CA ARG A 400 6.36 -28.98 -4.27
C ARG A 400 7.70 -28.82 -3.50
N GLU A 401 8.77 -28.48 -4.21
CA GLU A 401 10.06 -28.27 -3.54
C GLU A 401 10.03 -27.06 -2.62
N VAL A 402 9.36 -26.00 -3.07
CA VAL A 402 9.29 -24.77 -2.22
C VAL A 402 8.45 -25.08 -0.97
N ALA A 403 7.34 -25.81 -1.15
CA ALA A 403 6.55 -26.18 0.04
C ALA A 403 7.40 -26.95 1.04
N ALA A 404 8.22 -27.89 0.55
CA ALA A 404 9.02 -28.70 1.49
C ALA A 404 10.06 -27.84 2.19
N LEU A 405 10.62 -26.85 1.47
CA LEU A 405 11.57 -25.95 2.13
C LEU A 405 10.88 -25.15 3.23
N ILE A 406 9.71 -24.61 2.95
CA ILE A 406 9.00 -23.83 3.95
C ILE A 406 8.61 -24.71 5.14
N ALA A 407 8.06 -25.91 4.89
CA ALA A 407 7.67 -26.78 5.97
C ALA A 407 8.87 -27.10 6.91
N SER A 408 10.08 -27.14 6.34
CA SER A 408 11.26 -27.48 7.16
C SER A 408 11.77 -26.30 7.99
N GLY A 409 11.21 -25.11 7.78
CA GLY A 409 11.63 -23.93 8.52
C GLY A 409 12.59 -23.03 7.77
N LYS A 410 12.69 -23.22 6.46
CA LYS A 410 13.56 -22.36 5.68
C LYS A 410 12.77 -21.15 5.12
N VAL A 411 13.49 -20.08 4.82
CA VAL A 411 12.89 -18.86 4.28
C VAL A 411 13.21 -18.81 2.80
N VAL A 412 12.17 -18.64 2.00
CA VAL A 412 12.32 -18.74 0.53
C VAL A 412 11.84 -17.48 -0.13
N GLY A 413 12.71 -16.90 -0.95
CA GLY A 413 12.28 -15.78 -1.79
C GLY A 413 11.46 -16.33 -2.97
N TRP A 414 10.42 -15.62 -3.34
CA TRP A 414 9.46 -16.07 -4.32
C TRP A 414 9.20 -14.95 -5.28
N ALA A 415 9.72 -15.06 -6.51
CA ALA A 415 9.59 -13.97 -7.50
C ALA A 415 9.01 -14.62 -8.74
N GLN A 416 7.71 -14.48 -8.88
CA GLN A 416 6.93 -15.20 -9.87
C GLN A 416 5.91 -14.26 -10.53
N GLY A 417 5.72 -14.42 -11.85
CA GLY A 417 4.62 -13.69 -12.52
C GLY A 417 4.74 -12.18 -12.48
N ARG A 418 3.60 -11.51 -12.64
CA ARG A 418 3.55 -10.06 -12.70
C ARG A 418 3.68 -9.51 -11.28
N GLY A 419 4.49 -8.47 -11.11
CA GLY A 419 4.67 -7.86 -9.79
C GLY A 419 3.35 -7.33 -9.22
N GLU A 420 3.15 -7.54 -7.91
CA GLU A 420 1.90 -6.99 -7.34
C GLU A 420 2.08 -5.48 -7.16
N VAL A 421 0.97 -4.75 -7.13
N VAL A 421 0.98 -4.74 -7.14
CA VAL A 421 0.98 -3.29 -6.89
CA VAL A 421 1.04 -3.31 -6.85
C VAL A 421 0.48 -3.00 -5.47
C VAL A 421 0.59 -3.08 -5.42
N GLY A 422 1.01 -1.95 -4.87
CA GLY A 422 0.69 -1.61 -3.50
C GLY A 422 1.83 -2.04 -2.60
N PRO A 423 1.69 -1.75 -1.31
CA PRO A 423 2.81 -1.92 -0.37
C PRO A 423 2.98 -3.33 0.19
N ARG A 424 2.08 -4.24 -0.14
N ARG A 424 2.04 -4.22 -0.12
CA ARG A 424 2.10 -5.56 0.49
CA ARG A 424 2.06 -5.59 0.43
C ARG A 424 2.35 -6.66 -0.52
C ARG A 424 2.49 -6.57 -0.62
N ALA A 425 3.34 -7.50 -0.23
CA ALA A 425 3.63 -8.65 -1.11
C ALA A 425 2.47 -9.63 -1.04
N LEU A 426 2.11 -10.21 -2.18
CA LEU A 426 0.87 -11.02 -2.28
C LEU A 426 1.13 -12.27 -3.10
N GLY A 427 2.31 -12.83 -2.94
CA GLY A 427 2.66 -14.04 -3.67
C GLY A 427 3.21 -13.82 -5.07
N GLN A 428 3.71 -12.62 -5.35
CA GLN A 428 4.41 -12.41 -6.62
C GLN A 428 5.85 -12.00 -6.35
N ARG A 429 6.05 -11.23 -5.29
CA ARG A 429 7.41 -10.81 -4.90
C ARG A 429 7.50 -10.86 -3.37
N SER A 430 7.60 -12.08 -2.86
CA SER A 430 7.41 -12.35 -1.42
C SER A 430 8.61 -13.07 -0.83
N LEU A 431 8.78 -12.92 0.50
CA LEU A 431 9.62 -13.85 1.26
C LEU A 431 8.62 -14.73 2.01
N LEU A 432 8.80 -16.05 1.91
CA LEU A 432 7.86 -17.01 2.47
C LEU A 432 8.50 -17.81 3.59
N GLY A 433 7.72 -18.07 4.63
CA GLY A 433 8.24 -18.88 5.71
C GLY A 433 7.11 -19.62 6.39
N SER A 434 7.43 -20.40 7.40
CA SER A 434 6.40 -21.23 8.03
C SER A 434 5.44 -20.41 8.92
N ALA A 435 4.15 -20.60 8.71
CA ALA A 435 3.14 -20.01 9.60
C ALA A 435 3.06 -20.74 10.95
N HIS A 436 3.59 -21.97 11.00
CA HIS A 436 3.39 -22.88 12.14
C HIS A 436 4.53 -22.78 13.12
N SER A 437 5.59 -22.04 12.76
CA SER A 437 6.81 -22.03 13.59
C SER A 437 6.78 -20.92 14.65
N PRO A 438 7.02 -21.28 15.92
CA PRO A 438 7.05 -20.26 16.97
C PRO A 438 8.38 -19.51 17.05
N THR A 439 9.31 -19.81 16.16
CA THR A 439 10.57 -19.04 16.10
C THR A 439 10.69 -18.19 14.81
N MET A 440 9.80 -18.40 13.86
CA MET A 440 9.97 -17.77 12.53
C MET A 440 9.83 -16.25 12.57
N ARG A 441 8.95 -15.73 13.42
N ARG A 441 8.96 -15.72 13.43
CA ARG A 441 8.81 -14.24 13.49
CA ARG A 441 8.80 -14.27 13.57
C ARG A 441 10.14 -13.61 13.93
C ARG A 441 10.12 -13.61 13.96
N ASP A 442 10.74 -14.10 15.03
CA ASP A 442 12.01 -13.54 15.46
C ASP A 442 13.12 -13.76 14.41
N HIS A 443 13.10 -14.94 13.78
CA HIS A 443 14.10 -15.24 12.77
C HIS A 443 14.05 -14.25 11.62
N ILE A 444 12.86 -14.01 11.06
CA ILE A 444 12.80 -13.08 9.92
C ILE A 444 13.01 -11.64 10.36
N ASN A 445 12.46 -11.25 11.53
CA ASN A 445 12.67 -9.84 11.97
C ASN A 445 14.13 -9.57 12.29
N LEU A 446 14.75 -10.48 13.05
CA LEU A 446 16.09 -10.17 13.55
C LEU A 446 17.20 -10.70 12.66
N ARG A 447 17.16 -11.96 12.30
CA ARG A 447 18.26 -12.53 11.52
C ARG A 447 18.14 -12.13 10.02
N VAL A 448 16.95 -12.25 9.45
CA VAL A 448 16.83 -12.03 8.00
C VAL A 448 16.82 -10.54 7.67
N LYS A 449 15.87 -9.80 8.23
CA LYS A 449 15.69 -8.41 7.85
C LYS A 449 16.40 -7.39 8.73
N ASP A 450 16.85 -7.84 9.90
CA ASP A 450 17.54 -6.93 10.84
C ASP A 450 16.73 -5.68 11.05
N ARG A 451 15.48 -5.89 11.41
CA ARG A 451 14.57 -4.80 11.75
C ARG A 451 14.04 -4.95 13.19
N GLU A 452 12.95 -4.23 13.49
CA GLU A 452 12.44 -4.23 14.88
C GLU A 452 11.82 -5.57 15.31
N TRP A 453 12.11 -5.97 16.54
CA TRP A 453 11.61 -7.25 17.05
C TRP A 453 10.09 -7.27 17.17
N TRP A 454 9.48 -6.10 17.27
CA TRP A 454 8.05 -6.01 17.53
C TRP A 454 7.19 -5.99 16.23
N ARG A 455 7.82 -6.07 15.06
CA ARG A 455 7.05 -6.01 13.80
C ARG A 455 6.29 -7.31 13.60
N PRO A 456 5.05 -7.21 13.13
CA PRO A 456 4.21 -8.38 12.96
C PRO A 456 4.34 -8.99 11.55
N PHE A 457 3.90 -10.25 11.42
CA PHE A 457 3.77 -10.89 10.08
C PHE A 457 2.38 -11.38 9.83
N ALA A 458 2.10 -11.69 8.56
CA ALA A 458 0.75 -12.11 8.19
C ALA A 458 0.77 -13.26 7.22
N PRO A 459 -0.35 -13.95 7.12
CA PRO A 459 -0.39 -15.21 6.33
C PRO A 459 -1.05 -15.11 4.98
N SER A 460 -0.63 -15.98 4.06
CA SER A 460 -1.44 -16.30 2.89
C SER A 460 -2.03 -17.69 3.11
N MET A 461 -3.24 -17.90 2.60
CA MET A 461 -3.91 -19.21 2.73
C MET A 461 -4.82 -19.40 1.56
N LEU A 462 -5.17 -20.65 1.28
CA LEU A 462 -6.12 -20.91 0.20
C LEU A 462 -7.47 -20.34 0.57
N ARG A 463 -8.15 -19.70 -0.41
CA ARG A 463 -9.52 -19.29 -0.17
C ARG A 463 -10.39 -20.49 0.16
N SER A 464 -10.01 -21.65 -0.36
CA SER A 464 -10.84 -22.86 -0.15
C SER A 464 -10.84 -23.38 1.30
N VAL A 465 -9.88 -22.91 2.12
CA VAL A 465 -9.89 -23.26 3.56
C VAL A 465 -10.18 -22.08 4.47
N SER A 466 -10.34 -20.89 3.91
CA SER A 466 -10.40 -19.73 4.78
C SER A 466 -11.68 -19.67 5.64
N ASP A 467 -12.76 -20.31 5.18
CA ASP A 467 -13.97 -20.35 5.99
C ASP A 467 -13.77 -21.18 7.26
N GLN A 468 -12.85 -22.13 7.20
CA GLN A 468 -12.47 -22.94 8.37
C GLN A 468 -11.46 -22.23 9.27
N VAL A 469 -10.54 -21.47 8.65
CA VAL A 469 -9.48 -20.79 9.42
C VAL A 469 -9.95 -19.47 10.04
N LEU A 470 -10.75 -18.70 9.28
CA LEU A 470 -11.12 -17.34 9.67
C LEU A 470 -12.56 -17.33 10.13
N GLU A 471 -12.91 -16.37 10.97
CA GLU A 471 -14.27 -16.28 11.49
C GLU A 471 -15.26 -15.75 10.46
N VAL A 472 -14.78 -15.18 9.35
CA VAL A 472 -15.64 -14.63 8.29
C VAL A 472 -15.40 -15.41 7.01
N ASP A 473 -16.47 -15.77 6.31
CA ASP A 473 -16.35 -16.47 4.99
C ASP A 473 -16.38 -15.44 3.86
N ALA A 474 -15.23 -14.85 3.54
CA ALA A 474 -15.16 -13.80 2.56
C ALA A 474 -13.78 -13.80 1.94
N ASP A 475 -13.69 -13.16 0.79
CA ASP A 475 -12.37 -12.94 0.19
C ASP A 475 -11.62 -11.85 0.93
N PHE A 476 -10.34 -12.07 1.22
CA PHE A 476 -9.42 -11.05 1.74
C PHE A 476 -8.16 -11.06 0.88
N PRO A 477 -8.25 -10.48 -0.31
CA PRO A 477 -7.19 -10.72 -1.32
C PRO A 477 -5.94 -9.89 -1.08
N TYR A 478 -6.01 -8.87 -0.18
CA TYR A 478 -4.97 -7.81 -0.22
C TYR A 478 -4.20 -7.59 1.05
N MET A 479 -4.51 -8.38 2.11
CA MET A 479 -3.85 -8.14 3.38
C MET A 479 -4.08 -6.73 3.87
N ILE A 480 -5.29 -6.20 3.61
CA ILE A 480 -5.55 -4.80 3.92
C ILE A 480 -6.61 -4.71 5.04
N MET A 481 -7.01 -5.87 5.57
CA MET A 481 -8.09 -5.88 6.58
C MET A 481 -7.80 -6.98 7.60
N THR A 482 -7.83 -6.65 8.87
CA THR A 482 -7.64 -7.68 9.88
C THR A 482 -8.97 -8.40 10.17
N THR A 483 -8.86 -9.61 10.66
CA THR A 483 -10.03 -10.38 11.05
C THR A 483 -9.52 -11.34 12.13
N LYS A 484 -10.38 -12.20 12.64
CA LYS A 484 -9.93 -13.18 13.63
C LYS A 484 -9.96 -14.63 13.10
N VAL A 485 -9.05 -15.46 13.59
CA VAL A 485 -9.11 -16.88 13.29
C VAL A 485 -10.16 -17.57 14.17
N ARG A 486 -10.55 -18.76 13.74
CA ARG A 486 -11.41 -19.61 14.55
C ARG A 486 -10.59 -20.35 15.59
N ALA A 487 -11.29 -20.83 16.62
CA ALA A 487 -10.65 -21.52 17.73
C ALA A 487 -9.64 -22.60 17.34
N ALA A 488 -9.97 -23.38 16.33
CA ALA A 488 -9.14 -24.51 15.94
C ALA A 488 -7.76 -24.06 15.39
N TYR A 489 -7.66 -22.79 15.07
CA TYR A 489 -6.42 -22.23 14.54
C TYR A 489 -5.83 -21.14 15.42
N ALA A 490 -6.40 -20.93 16.61
CA ALA A 490 -5.91 -19.88 17.52
C ALA A 490 -4.51 -20.10 18.10
N GLU A 491 -3.93 -21.31 17.95
CA GLU A 491 -2.62 -21.59 18.53
C GLU A 491 -1.67 -22.26 17.54
N ARG A 492 -2.23 -22.80 16.44
CA ARG A 492 -1.49 -23.57 15.41
C ARG A 492 -0.63 -22.70 14.51
N LEU A 493 -0.92 -21.40 14.45
CA LEU A 493 -0.24 -20.52 13.45
C LEU A 493 0.50 -19.35 14.13
N PRO A 494 1.45 -19.65 15.00
CA PRO A 494 1.99 -18.62 15.91
C PRO A 494 2.73 -17.49 15.21
N SER A 495 3.34 -17.72 14.03
CA SER A 495 4.11 -16.63 13.44
C SER A 495 3.23 -15.60 12.75
N VAL A 496 1.93 -15.91 12.56
CA VAL A 496 1.06 -15.04 11.74
C VAL A 496 -0.30 -14.70 12.38
N VAL A 497 -0.54 -15.20 13.59
CA VAL A 497 -1.77 -14.91 14.30
C VAL A 497 -1.39 -14.34 15.65
N HIS A 498 -2.02 -13.23 16.01
CA HIS A 498 -1.78 -12.53 17.30
C HIS A 498 -2.36 -13.28 18.49
N GLU A 499 -1.87 -12.94 19.68
CA GLU A 499 -2.41 -13.55 20.94
C GLU A 499 -3.92 -13.36 21.06
N ASP A 500 -4.42 -12.23 20.56
CA ASP A 500 -5.87 -12.01 20.58
C ASP A 500 -6.65 -12.71 19.44
N TRP A 501 -5.96 -13.57 18.68
CA TRP A 501 -6.52 -14.36 17.56
C TRP A 501 -6.67 -13.52 16.27
N SER A 502 -6.20 -12.29 16.28
CA SER A 502 -6.35 -11.48 15.06
C SER A 502 -5.27 -11.83 14.07
N THR A 503 -5.57 -11.58 12.80
CA THR A 503 -4.60 -11.85 11.74
C THR A 503 -4.95 -10.95 10.55
N ARG A 504 -4.04 -10.82 9.60
CA ARG A 504 -4.24 -9.88 8.47
C ARG A 504 -4.01 -10.69 7.17
N PRO A 505 -5.03 -11.42 6.72
CA PRO A 505 -4.76 -12.51 5.78
C PRO A 505 -4.80 -12.08 4.32
N GLN A 506 -4.16 -12.94 3.52
CA GLN A 506 -4.38 -12.99 2.07
C GLN A 506 -5.04 -14.33 1.77
N THR A 507 -6.23 -14.27 1.17
CA THR A 507 -6.82 -15.50 0.63
C THR A 507 -6.46 -15.62 -0.86
N VAL A 508 -6.15 -16.84 -1.28
CA VAL A 508 -5.59 -17.11 -2.60
C VAL A 508 -6.49 -18.08 -3.37
N THR A 509 -6.88 -17.66 -4.56
CA THR A 509 -7.69 -18.56 -5.41
C THR A 509 -6.82 -19.11 -6.52
N GLU A 510 -7.27 -20.24 -7.07
CA GLU A 510 -6.48 -20.90 -8.08
C GLU A 510 -6.38 -19.97 -9.32
N ALA A 511 -7.49 -19.31 -9.66
CA ALA A 511 -7.47 -18.36 -10.77
C ALA A 511 -6.57 -17.14 -10.49
N SER A 512 -6.54 -16.67 -9.25
CA SER A 512 -5.76 -15.47 -8.90
C SER A 512 -4.25 -15.71 -9.10
N ASN A 513 -3.80 -16.94 -8.87
CA ASN A 513 -2.37 -17.17 -8.80
C ASN A 513 -2.14 -18.66 -8.77
N PRO A 514 -2.25 -19.31 -9.91
CA PRO A 514 -2.11 -20.77 -9.96
C PRO A 514 -0.85 -21.34 -9.34
N ARG A 515 0.30 -20.72 -9.57
CA ARG A 515 1.52 -21.27 -9.03
C ARG A 515 1.54 -21.21 -7.49
N TYR A 516 1.16 -20.04 -6.95
CA TYR A 516 1.17 -19.83 -5.49
C TYR A 516 0.09 -20.76 -4.88
N HIS A 517 -1.05 -20.88 -5.56
CA HIS A 517 -2.12 -21.78 -5.09
C HIS A 517 -1.62 -23.24 -5.02
N ARG A 518 -0.90 -23.66 -6.07
CA ARG A 518 -0.34 -25.02 -6.09
C ARG A 518 0.69 -25.23 -4.98
N MET A 519 1.53 -24.24 -4.75
CA MET A 519 2.52 -24.34 -3.69
C MET A 519 1.83 -24.47 -2.30
N LEU A 520 0.84 -23.61 -2.03
CA LEU A 520 0.13 -23.68 -0.74
C LEU A 520 -0.57 -25.03 -0.59
N THR A 521 -1.12 -25.55 -1.68
CA THR A 521 -1.75 -26.89 -1.68
C THR A 521 -0.74 -27.95 -1.25
N GLU A 522 0.42 -27.92 -1.87
CA GLU A 522 1.47 -28.86 -1.52
C GLU A 522 1.89 -28.69 -0.07
N LEU A 523 2.00 -27.45 0.40
CA LEU A 523 2.37 -27.20 1.78
C LEU A 523 1.34 -27.76 2.76
N GLY A 524 0.07 -27.62 2.42
CA GLY A 524 -1.01 -28.15 3.26
C GLY A 524 -0.88 -29.66 3.47
N ASP A 525 -0.45 -30.35 2.42
CA ASP A 525 -0.21 -31.80 2.49
C ASP A 525 0.91 -32.13 3.47
N LEU A 526 1.80 -31.18 3.73
CA LEU A 526 2.88 -31.42 4.67
C LEU A 526 2.60 -31.00 6.10
N VAL A 527 1.97 -29.84 6.30
CA VAL A 527 1.87 -29.24 7.64
C VAL A 527 0.44 -29.18 8.12
N GLY A 528 -0.45 -29.71 7.30
CA GLY A 528 -1.86 -29.81 7.65
C GLY A 528 -2.70 -28.67 7.15
N ASP A 529 -2.13 -27.47 7.13
CA ASP A 529 -2.91 -26.30 6.76
C ASP A 529 -2.20 -25.62 5.60
N PRO A 530 -2.94 -25.29 4.55
CA PRO A 530 -2.28 -24.68 3.38
C PRO A 530 -2.16 -23.18 3.63
N VAL A 531 -1.23 -22.84 4.53
CA VAL A 531 -1.08 -21.49 5.06
C VAL A 531 0.40 -21.24 5.22
N CYS A 532 0.88 -20.07 4.82
CA CYS A 532 2.27 -19.72 5.11
C CYS A 532 2.42 -18.29 5.52
N LEU A 533 3.59 -17.95 6.07
CA LEU A 533 3.90 -16.56 6.36
C LEU A 533 4.34 -15.94 5.03
N ASN A 534 3.88 -14.74 4.75
CA ASN A 534 4.15 -14.08 3.48
C ASN A 534 4.47 -12.60 3.74
N THR A 535 5.76 -12.26 3.64
CA THR A 535 6.24 -10.90 3.88
C THR A 535 6.92 -10.30 2.67
N SER A 536 7.22 -9.01 2.75
CA SER A 536 7.75 -8.33 1.57
C SER A 536 9.18 -8.78 1.20
N PHE A 537 9.43 -8.95 -0.10
CA PHE A 537 10.75 -9.36 -0.56
C PHE A 537 11.58 -8.11 -0.78
N ASN A 538 12.21 -7.69 0.31
CA ASN A 538 13.09 -6.53 0.36
C ASN A 538 13.63 -6.51 1.81
N ASP A 539 14.30 -5.47 2.18
CA ASP A 539 14.31 -5.12 3.60
C ASP A 539 13.99 -3.64 3.66
N ARG A 540 14.22 -3.07 4.86
CA ARG A 540 13.74 -1.73 5.14
C ARG A 540 14.33 -0.67 4.19
N GLY A 541 15.45 -0.96 3.56
CA GLY A 541 16.07 0.09 2.78
C GLY A 541 15.73 0.21 1.29
N GLU A 542 14.82 -0.60 0.77
CA GLU A 542 14.55 -0.59 -0.69
C GLU A 542 13.08 -0.94 -0.90
N PRO A 543 12.54 -0.59 -2.06
CA PRO A 543 11.18 -1.05 -2.40
C PRO A 543 11.21 -2.57 -2.61
N ILE A 544 10.02 -3.17 -2.60
CA ILE A 544 9.90 -4.59 -2.96
C ILE A 544 10.57 -4.84 -4.32
N VAL A 545 11.28 -5.94 -4.42
CA VAL A 545 11.99 -6.23 -5.65
C VAL A 545 11.04 -6.35 -6.81
N SER A 546 11.53 -6.00 -8.01
CA SER A 546 10.65 -6.06 -9.21
C SER A 546 11.26 -7.05 -10.25
N SER A 547 12.50 -6.81 -10.64
CA SER A 547 13.10 -7.61 -11.72
C SER A 547 13.89 -8.79 -11.16
N PRO A 548 14.27 -9.73 -12.04
CA PRO A 548 15.07 -10.88 -11.55
C PRO A 548 16.38 -10.38 -10.99
N ALA A 549 17.02 -9.37 -11.61
CA ALA A 549 18.25 -8.85 -11.05
C ALA A 549 18.03 -8.27 -9.64
N ASP A 550 16.89 -7.59 -9.43
CA ASP A 550 16.61 -7.06 -8.07
C ASP A 550 16.50 -8.21 -7.07
N ALA A 551 15.75 -9.26 -7.47
CA ALA A 551 15.59 -10.41 -6.55
C ALA A 551 16.94 -11.06 -6.20
N LEU A 552 17.80 -11.23 -7.20
CA LEU A 552 19.12 -11.83 -6.92
C LEU A 552 19.97 -10.92 -6.04
N LEU A 553 19.88 -9.61 -6.23
CA LEU A 553 20.71 -8.70 -5.42
C LEU A 553 20.26 -8.82 -3.93
N THR A 554 18.96 -8.81 -3.72
CA THR A 554 18.42 -8.91 -2.33
C THR A 554 18.69 -10.28 -1.73
N PHE A 555 18.48 -11.33 -2.51
CA PHE A 555 18.80 -12.70 -2.09
C PHE A 555 20.26 -12.76 -1.62
N SER A 556 21.13 -12.08 -2.35
CA SER A 556 22.54 -12.28 -2.06
C SER A 556 22.97 -11.55 -0.80
N ARG A 557 22.22 -10.52 -0.41
CA ARG A 557 22.67 -9.73 0.77
C ARG A 557 21.94 -10.14 2.02
N LEU A 558 20.92 -10.98 1.93
CA LEU A 558 20.15 -11.39 3.13
C LEU A 558 20.33 -12.89 3.35
N PRO A 559 20.32 -13.33 4.62
CA PRO A 559 20.56 -14.76 4.91
C PRO A 559 19.28 -15.57 4.72
N ILE A 560 18.78 -15.57 3.46
CA ILE A 560 17.59 -16.28 2.97
C ILE A 560 18.08 -17.64 2.46
N ASP A 561 17.31 -18.69 2.60
CA ASP A 561 17.81 -20.02 2.27
C ASP A 561 17.77 -20.31 0.78
N ALA A 562 16.76 -19.76 0.10
CA ALA A 562 16.57 -20.16 -1.31
C ALA A 562 15.78 -19.07 -2.00
N LEU A 563 15.90 -19.06 -3.33
CA LEU A 563 15.18 -18.12 -4.15
C LEU A 563 14.54 -18.91 -5.28
N ALA A 564 13.19 -18.85 -5.37
CA ALA A 564 12.46 -19.43 -6.50
C ALA A 564 12.10 -18.29 -7.43
N VAL A 565 12.78 -18.23 -8.57
CA VAL A 565 12.62 -17.09 -9.48
C VAL A 565 12.29 -17.64 -10.84
N GLY A 566 11.08 -17.34 -11.32
CA GLY A 566 10.57 -18.11 -12.46
C GLY A 566 10.67 -19.59 -12.18
N PRO A 567 11.11 -20.37 -13.18
CA PRO A 567 11.12 -21.82 -12.99
C PRO A 567 12.42 -22.27 -12.28
N TYR A 568 13.25 -21.33 -11.87
CA TYR A 568 14.57 -21.71 -11.34
C TYR A 568 14.64 -21.61 -9.82
N LEU A 569 15.50 -22.44 -9.22
CA LEU A 569 15.69 -22.47 -7.75
C LEU A 569 17.15 -22.30 -7.44
N VAL A 570 17.45 -21.22 -6.69
CA VAL A 570 18.81 -20.95 -6.27
C VAL A 570 18.91 -21.14 -4.75
N THR A 571 19.98 -21.78 -4.28
CA THR A 571 20.08 -22.03 -2.82
C THR A 571 21.34 -21.39 -2.30
N LYS A 572 21.35 -20.94 -1.06
CA LYS A 572 22.57 -20.25 -0.65
C LYS A 572 23.87 -21.03 -0.85
N ASP A 573 24.93 -20.36 -1.34
CA ASP A 573 26.13 -21.11 -1.62
C ASP A 573 26.86 -21.41 -0.30
N LEU A 574 26.65 -22.64 0.21
CA LEU A 574 27.14 -23.04 1.53
C LEU A 574 28.45 -23.85 1.53
N ARG A 575 29.14 -23.87 0.38
CA ARG A 575 30.44 -24.51 0.27
C ARG A 575 31.53 -23.57 0.71
N HIS A 576 32.39 -23.95 1.64
CA HIS A 576 33.33 -22.92 2.12
C HIS A 576 34.33 -22.57 1.04
K K B . 23.96 -23.19 -4.01
K K C . -20.59 -5.99 10.34
K K D . 4.98 16.80 28.77
FE FE2 E . -4.49 11.14 -1.46
C1 GOL F . 0.92 -11.91 13.84
O1 GOL F . 0.81 -10.66 13.20
C2 GOL F . 2.25 -11.92 14.58
O2 GOL F . 3.29 -12.00 13.61
C3 GOL F . 2.28 -13.16 15.50
O3 GOL F . 3.57 -13.38 16.03
O1 TLA G . 5.26 -3.50 9.34
O11 TLA G . 3.30 -3.73 8.25
C1 TLA G . 4.37 -4.16 8.76
C2 TLA G . 4.59 -5.64 8.66
O2 TLA G . 5.70 -5.93 9.59
C3 TLA G . 5.04 -5.89 7.22
O3 TLA G . 6.30 -5.21 6.96
C4 TLA G . 5.19 -7.39 6.96
O4 TLA G . 6.25 -7.85 7.37
O41 TLA G . 4.26 -8.03 6.42
#